data_7LRW
#
_entry.id   7LRW
#
_entity_poly.entity_id   1
_entity_poly.type   'polypeptide(L)'
_entity_poly.pdbx_seq_one_letter_code
;CAPECRSFCPDQKCLKDCGCI
;
_entity_poly.pdbx_strand_id   A
#
# COMPACT_ATOMS: atom_id res chain seq x y z
N CYS A 1 5.06 1.27 -5.30
CA CYS A 1 4.32 1.52 -4.07
C CYS A 1 5.23 2.16 -3.02
N ALA A 2 4.74 2.24 -1.79
CA ALA A 2 5.49 2.84 -0.69
C ALA A 2 6.90 2.25 -0.62
N PRO A 3 7.81 2.97 0.06
CA PRO A 3 9.19 2.54 0.22
C PRO A 3 9.33 1.33 1.15
N GLU A 4 8.45 1.26 2.14
CA GLU A 4 8.46 0.16 3.09
C GLU A 4 7.05 -0.32 3.40
N CYS A 5 6.55 -1.24 2.60
CA CYS A 5 5.21 -1.78 2.77
C CYS A 5 4.89 -2.84 1.72
N ARG A 6 4.45 -4.00 2.17
CA ARG A 6 4.11 -5.10 1.27
C ARG A 6 2.99 -4.70 0.32
N SER A 7 2.44 -5.68 -0.38
CA SER A 7 1.35 -5.44 -1.32
C SER A 7 0.04 -6.03 -0.82
N PHE A 8 -0.96 -6.06 -1.69
CA PHE A 8 -2.26 -6.60 -1.33
C PHE A 8 -2.92 -5.79 -0.22
N CYS A 9 -2.75 -4.47 -0.29
CA CYS A 9 -3.32 -3.57 0.70
C CYS A 9 -2.94 -4.02 2.11
N PRO A 10 -1.67 -3.78 2.49
CA PRO A 10 -1.15 -4.15 3.81
C PRO A 10 -1.74 -3.29 4.92
N ASP A 11 -1.70 -1.97 4.72
CA ASP A 11 -2.23 -1.04 5.70
C ASP A 11 -3.35 -0.18 5.11
N GLN A 12 -3.75 0.85 5.83
CA GLN A 12 -4.80 1.75 5.37
C GLN A 12 -4.26 2.74 4.33
N LYS A 13 -3.13 3.35 4.65
CA LYS A 13 -2.51 4.31 3.75
C LYS A 13 -1.63 3.61 2.71
N CYS A 14 -0.88 2.61 3.17
CA CYS A 14 0.00 1.86 2.29
C CYS A 14 -0.76 1.34 1.07
N LEU A 15 -2.01 0.94 1.28
CA LEU A 15 -2.85 0.43 0.20
C LEU A 15 -3.27 1.55 -0.74
N LYS A 16 -3.39 2.76 -0.19
CA LYS A 16 -3.78 3.92 -0.98
C LYS A 16 -2.58 4.48 -1.76
N ASP A 17 -1.41 4.41 -1.15
CA ASP A 17 -0.20 4.92 -1.78
C ASP A 17 0.33 3.93 -2.83
N CYS A 18 0.18 2.64 -2.53
CA CYS A 18 0.62 1.60 -3.44
C CYS A 18 -0.17 1.62 -4.75
N GLY A 19 -1.41 1.15 -4.68
CA GLY A 19 -2.26 1.12 -5.86
C GLY A 19 -3.37 0.09 -5.76
N CYS A 20 -4.11 0.14 -4.67
CA CYS A 20 -5.21 -0.80 -4.45
C CYS A 20 -6.51 -0.24 -5.00
N ILE A 21 -6.92 0.92 -4.50
CA ILE A 21 -8.16 1.56 -4.95
C ILE A 21 -8.18 1.68 -6.47
N CYS A 1 5.48 0.69 -4.78
CA CYS A 1 4.40 0.61 -3.81
C CYS A 1 4.89 0.98 -2.42
N ALA A 2 4.68 2.25 -2.05
CA ALA A 2 5.10 2.74 -0.74
C ALA A 2 6.61 2.68 -0.59
N PRO A 3 7.14 3.46 0.37
CA PRO A 3 8.59 3.50 0.63
C PRO A 3 9.10 2.21 1.26
N GLU A 4 8.25 1.57 2.06
CA GLU A 4 8.63 0.32 2.71
C GLU A 4 7.39 -0.41 3.25
N CYS A 5 6.65 -1.04 2.35
CA CYS A 5 5.45 -1.77 2.74
C CYS A 5 5.27 -3.02 1.88
N ARG A 6 4.12 -3.65 1.99
CA ARG A 6 3.82 -4.87 1.23
C ARG A 6 2.74 -4.61 0.19
N SER A 7 2.23 -5.68 -0.41
CA SER A 7 1.20 -5.57 -1.42
C SER A 7 -0.13 -6.13 -0.90
N PHE A 8 -1.15 -6.13 -1.77
CA PHE A 8 -2.47 -6.64 -1.39
C PHE A 8 -3.07 -5.80 -0.27
N CYS A 9 -2.86 -4.49 -0.33
CA CYS A 9 -3.40 -3.58 0.68
C CYS A 9 -3.00 -4.04 2.08
N PRO A 10 -1.71 -3.86 2.43
CA PRO A 10 -1.19 -4.25 3.73
C PRO A 10 -1.73 -3.37 4.86
N ASP A 11 -1.66 -2.06 4.66
CA ASP A 11 -2.14 -1.11 5.66
C ASP A 11 -3.23 -0.20 5.08
N GLN A 12 -3.59 0.83 5.82
CA GLN A 12 -4.61 1.77 5.38
C GLN A 12 -4.05 2.74 4.34
N LYS A 13 -2.90 3.32 4.65
CA LYS A 13 -2.26 4.27 3.74
C LYS A 13 -1.42 3.54 2.70
N CYS A 14 -0.70 2.52 3.13
CA CYS A 14 0.14 1.73 2.24
C CYS A 14 -0.65 1.26 1.02
N LEU A 15 -1.92 0.90 1.25
CA LEU A 15 -2.78 0.42 0.19
C LEU A 15 -3.20 1.57 -0.73
N LYS A 16 -3.28 2.77 -0.16
CA LYS A 16 -3.67 3.95 -0.93
C LYS A 16 -2.49 4.48 -1.74
N ASP A 17 -1.29 4.38 -1.18
CA ASP A 17 -0.09 4.85 -1.85
C ASP A 17 0.39 3.82 -2.87
N CYS A 18 0.25 2.54 -2.53
CA CYS A 18 0.67 1.46 -3.42
C CYS A 18 -0.11 1.50 -4.73
N GLY A 19 -1.37 1.09 -4.67
CA GLY A 19 -2.21 1.08 -5.87
C GLY A 19 -3.36 0.11 -5.77
N CYS A 20 -4.09 0.17 -4.66
CA CYS A 20 -5.23 -0.71 -4.43
C CYS A 20 -6.51 -0.10 -4.98
N ILE A 21 -6.85 1.09 -4.48
CA ILE A 21 -8.05 1.79 -4.91
C ILE A 21 -8.10 1.90 -6.43
N CYS A 1 5.96 2.29 -5.74
CA CYS A 1 4.71 2.19 -4.99
C CYS A 1 4.82 2.93 -3.65
N ALA A 2 5.52 2.31 -2.71
CA ALA A 2 5.71 2.90 -1.39
C ALA A 2 7.08 2.55 -0.82
N PRO A 3 7.53 3.33 0.17
CA PRO A 3 8.83 3.13 0.82
C PRO A 3 8.86 1.87 1.68
N GLU A 4 7.71 1.53 2.27
CA GLU A 4 7.60 0.35 3.11
C GLU A 4 6.21 -0.27 3.01
N CYS A 5 6.00 -1.04 1.94
CA CYS A 5 4.71 -1.69 1.72
C CYS A 5 4.92 -3.09 1.13
N ARG A 6 3.84 -3.88 1.13
CA ARG A 6 3.90 -5.24 0.59
C ARG A 6 2.53 -5.91 0.66
N SER A 7 2.39 -7.03 -0.02
CA SER A 7 1.13 -7.76 -0.04
C SER A 7 0.03 -6.93 -0.68
N PHE A 8 -1.20 -7.41 -0.57
CA PHE A 8 -2.36 -6.71 -1.14
C PHE A 8 -3.01 -5.81 -0.10
N CYS A 9 -2.72 -4.52 -0.16
CA CYS A 9 -3.28 -3.56 0.78
C CYS A 9 -3.06 -4.01 2.21
N PRO A 10 -1.81 -3.88 2.69
CA PRO A 10 -1.43 -4.27 4.05
C PRO A 10 -2.03 -3.33 5.11
N ASP A 11 -1.87 -2.03 4.89
CA ASP A 11 -2.40 -1.03 5.82
C ASP A 11 -3.45 -0.16 5.14
N GLN A 12 -3.95 0.83 5.87
CA GLN A 12 -4.97 1.73 5.34
C GLN A 12 -4.36 2.73 4.37
N LYS A 13 -3.30 3.40 4.81
CA LYS A 13 -2.62 4.39 3.98
C LYS A 13 -1.59 3.73 3.06
N CYS A 14 -0.95 2.68 3.57
CA CYS A 14 0.05 1.95 2.79
C CYS A 14 -0.54 1.46 1.48
N LEU A 15 -1.78 1.00 1.52
CA LEU A 15 -2.46 0.50 0.33
C LEU A 15 -2.73 1.63 -0.66
N LYS A 16 -3.01 2.81 -0.13
CA LYS A 16 -3.28 3.98 -0.97
C LYS A 16 -1.99 4.51 -1.60
N ASP A 17 -0.90 4.38 -0.87
CA ASP A 17 0.40 4.84 -1.35
C ASP A 17 1.06 3.79 -2.24
N CYS A 18 0.33 3.33 -3.25
CA CYS A 18 0.85 2.32 -4.17
C CYS A 18 -0.07 2.15 -5.36
N GLY A 19 -1.28 1.65 -5.12
CA GLY A 19 -2.24 1.44 -6.18
C GLY A 19 -3.18 0.29 -5.91
N CYS A 20 -3.88 0.34 -4.78
CA CYS A 20 -4.81 -0.71 -4.41
C CYS A 20 -6.23 -0.37 -4.85
N ILE A 21 -6.77 0.72 -4.31
CA ILE A 21 -8.11 1.16 -4.66
C ILE A 21 -8.30 1.25 -6.17
N CYS A 1 4.73 1.15 -5.51
CA CYS A 1 4.16 0.86 -4.20
C CYS A 1 4.92 1.59 -3.10
N ALA A 2 4.39 1.51 -1.88
CA ALA A 2 5.03 2.16 -0.75
C ALA A 2 6.51 1.81 -0.65
N PRO A 3 7.27 2.64 0.08
CA PRO A 3 8.71 2.44 0.27
C PRO A 3 9.02 1.23 1.14
N GLU A 4 8.20 1.03 2.17
CA GLU A 4 8.38 -0.09 3.09
C GLU A 4 7.24 -1.09 2.96
N CYS A 5 6.01 -0.60 3.11
CA CYS A 5 4.82 -1.45 3.01
C CYS A 5 4.86 -2.28 1.73
N ARG A 6 4.35 -3.50 1.81
CA ARG A 6 4.32 -4.39 0.66
C ARG A 6 3.03 -5.20 0.63
N SER A 7 2.99 -6.23 -0.22
CA SER A 7 1.81 -7.07 -0.34
C SER A 7 0.63 -6.28 -0.89
N PHE A 8 -0.52 -6.95 -1.00
CA PHE A 8 -1.72 -6.31 -1.52
C PHE A 8 -2.46 -5.57 -0.41
N CYS A 9 -2.37 -4.25 -0.43
CA CYS A 9 -3.03 -3.43 0.57
C CYS A 9 -2.70 -3.90 1.98
N PRO A 10 -1.45 -3.65 2.41
CA PRO A 10 -0.98 -4.04 3.74
C PRO A 10 -1.63 -3.24 4.86
N ASP A 11 -1.65 -1.92 4.70
CA ASP A 11 -2.25 -1.03 5.69
C ASP A 11 -3.36 -0.19 5.07
N GLN A 12 -3.84 0.79 5.82
CA GLN A 12 -4.89 1.67 5.34
C GLN A 12 -4.35 2.69 4.35
N LYS A 13 -3.30 3.39 4.73
CA LYS A 13 -2.68 4.40 3.88
C LYS A 13 -1.73 3.74 2.87
N CYS A 14 -0.97 2.75 3.35
CA CYS A 14 -0.02 2.05 2.49
C CYS A 14 -0.70 1.55 1.23
N LEU A 15 -1.94 1.08 1.36
CA LEU A 15 -2.70 0.57 0.23
C LEU A 15 -3.11 1.71 -0.71
N LYS A 16 -3.31 2.89 -0.14
CA LYS A 16 -3.69 4.06 -0.93
C LYS A 16 -2.48 4.67 -1.62
N ASP A 17 -1.32 4.56 -0.99
CA ASP A 17 -0.09 5.10 -1.54
C ASP A 17 0.67 4.04 -2.33
N CYS A 18 -0.08 3.16 -2.98
CA CYS A 18 0.52 2.09 -3.78
C CYS A 18 -0.23 1.89 -5.09
N GLY A 19 -1.54 1.66 -4.98
CA GLY A 19 -2.35 1.45 -6.17
C GLY A 19 -3.39 0.36 -5.98
N CYS A 20 -4.05 0.37 -4.83
CA CYS A 20 -5.07 -0.62 -4.53
C CYS A 20 -6.45 -0.16 -5.01
N ILE A 21 -6.90 0.98 -4.49
CA ILE A 21 -8.20 1.53 -4.86
C ILE A 21 -8.33 1.62 -6.38
N CYS A 1 6.15 -0.65 -4.66
CA CYS A 1 5.34 0.47 -4.20
C CYS A 1 5.58 0.73 -2.72
N ALA A 2 5.39 1.98 -2.30
CA ALA A 2 5.57 2.37 -0.91
C ALA A 2 7.02 2.17 -0.48
N PRO A 3 7.41 2.85 0.61
CA PRO A 3 8.78 2.75 1.15
C PRO A 3 9.07 1.39 1.77
N GLU A 4 8.07 0.83 2.44
CA GLU A 4 8.22 -0.48 3.08
C GLU A 4 7.07 -1.39 2.71
N CYS A 5 5.86 -0.84 2.69
CA CYS A 5 4.67 -1.61 2.36
C CYS A 5 4.73 -2.11 0.91
N ARG A 6 4.87 -3.42 0.75
CA ARG A 6 4.95 -4.02 -0.58
C ARG A 6 3.64 -4.72 -0.93
N SER A 7 3.05 -5.38 0.05
CA SER A 7 1.80 -6.10 -0.16
C SER A 7 0.75 -5.18 -0.79
N PHE A 8 -0.30 -5.78 -1.33
CA PHE A 8 -1.38 -5.02 -1.96
C PHE A 8 -1.94 -3.97 -1.01
N CYS A 9 -2.76 -4.43 -0.07
CA CYS A 9 -3.38 -3.54 0.91
C CYS A 9 -3.01 -3.96 2.33
N PRO A 10 -1.74 -3.73 2.71
CA PRO A 10 -1.25 -4.08 4.05
C PRO A 10 -1.83 -3.18 5.13
N ASP A 11 -1.78 -1.88 4.91
CA ASP A 11 -2.32 -0.91 5.86
C ASP A 11 -3.44 -0.09 5.25
N GLN A 12 -3.85 0.96 5.96
CA GLN A 12 -4.92 1.83 5.47
C GLN A 12 -4.41 2.76 4.38
N LYS A 13 -3.30 3.44 4.67
CA LYS A 13 -2.70 4.37 3.71
C LYS A 13 -1.80 3.63 2.72
N CYS A 14 -1.05 2.67 3.22
CA CYS A 14 -0.14 1.88 2.38
C CYS A 14 -0.88 1.32 1.17
N LEU A 15 -2.14 0.93 1.38
CA LEU A 15 -2.95 0.37 0.31
C LEU A 15 -3.37 1.46 -0.69
N LYS A 16 -3.53 2.68 -0.18
CA LYS A 16 -3.94 3.81 -1.02
C LYS A 16 -2.74 4.35 -1.79
N ASP A 17 -1.57 4.31 -1.18
CA ASP A 17 -0.35 4.80 -1.81
C ASP A 17 0.14 3.82 -2.87
N CYS A 18 0.00 2.53 -2.58
CA CYS A 18 0.43 1.48 -3.50
C CYS A 18 -0.41 1.50 -4.78
N GLY A 19 -1.68 1.15 -4.66
CA GLY A 19 -2.56 1.14 -5.81
C GLY A 19 -3.67 0.11 -5.68
N CYS A 20 -4.39 0.15 -4.57
CA CYS A 20 -5.49 -0.78 -4.33
C CYS A 20 -6.80 -0.22 -4.87
N ILE A 21 -7.17 0.96 -4.39
CA ILE A 21 -8.41 1.60 -4.83
C ILE A 21 -8.48 1.70 -6.35
N CYS A 1 5.65 2.39 -5.86
CA CYS A 1 4.84 1.86 -4.77
C CYS A 1 5.22 2.50 -3.44
N ALA A 2 4.59 2.04 -2.36
CA ALA A 2 4.87 2.57 -1.04
C ALA A 2 6.37 2.56 -0.74
N PRO A 3 6.78 3.37 0.25
CA PRO A 3 8.19 3.49 0.64
C PRO A 3 8.68 2.22 1.34
N GLU A 4 7.79 1.56 2.07
CA GLU A 4 8.14 0.34 2.79
C GLU A 4 6.89 -0.36 3.32
N CYS A 5 6.23 -1.11 2.47
CA CYS A 5 5.02 -1.83 2.85
C CYS A 5 4.71 -2.95 1.86
N ARG A 6 4.22 -4.07 2.38
CA ARG A 6 3.88 -5.22 1.55
C ARG A 6 2.81 -4.86 0.53
N SER A 7 2.26 -5.87 -0.14
CA SER A 7 1.22 -5.66 -1.14
C SER A 7 -0.11 -6.22 -0.66
N PHE A 8 -1.08 -6.27 -1.58
CA PHE A 8 -2.41 -6.78 -1.25
C PHE A 8 -3.08 -5.93 -0.20
N CYS A 9 -2.85 -4.62 -0.27
CA CYS A 9 -3.44 -3.68 0.68
C CYS A 9 -3.17 -4.11 2.11
N PRO A 10 -1.90 -3.98 2.54
CA PRO A 10 -1.48 -4.34 3.89
C PRO A 10 -2.06 -3.41 4.96
N ASP A 11 -1.90 -2.11 4.73
CA ASP A 11 -2.40 -1.11 5.67
C ASP A 11 -3.40 -0.17 4.99
N GLN A 12 -3.82 0.86 5.71
CA GLN A 12 -4.77 1.82 5.17
C GLN A 12 -4.12 2.71 4.13
N LYS A 13 -3.01 3.33 4.49
CA LYS A 13 -2.28 4.22 3.58
C LYS A 13 -1.39 3.42 2.65
N CYS A 14 -0.76 2.37 3.17
CA CYS A 14 0.12 1.53 2.38
C CYS A 14 -0.58 1.04 1.13
N LEU A 15 -1.88 0.76 1.25
CA LEU A 15 -2.67 0.28 0.11
C LEU A 15 -2.96 1.42 -0.86
N LYS A 16 -3.04 2.63 -0.34
CA LYS A 16 -3.31 3.81 -1.16
C LYS A 16 -2.05 4.25 -1.90
N ASP A 17 -0.90 4.12 -1.24
CA ASP A 17 0.37 4.50 -1.83
C ASP A 17 0.68 3.66 -3.06
N CYS A 18 0.69 2.34 -2.88
CA CYS A 18 0.97 1.42 -3.97
C CYS A 18 0.00 1.62 -5.12
N GLY A 19 -1.23 1.16 -4.94
CA GLY A 19 -2.24 1.30 -5.97
C GLY A 19 -3.40 0.32 -5.79
N CYS A 20 -3.81 0.14 -4.53
CA CYS A 20 -4.92 -0.76 -4.23
C CYS A 20 -6.25 -0.03 -4.26
N ILE A 21 -6.24 1.23 -3.83
CA ILE A 21 -7.45 2.05 -3.81
C ILE A 21 -8.15 2.02 -5.17
N CYS A 1 5.65 1.85 -5.08
CA CYS A 1 4.63 1.42 -4.13
C CYS A 1 5.11 1.55 -2.70
N ALA A 2 5.25 2.79 -2.24
CA ALA A 2 5.72 3.06 -0.87
C ALA A 2 7.13 2.53 -0.66
N PRO A 3 7.81 3.05 0.37
CA PRO A 3 9.17 2.64 0.71
C PRO A 3 9.24 1.22 1.24
N GLU A 4 8.20 0.80 1.93
CA GLU A 4 8.14 -0.55 2.50
C GLU A 4 6.70 -1.04 2.60
N CYS A 5 6.04 -1.14 1.45
CA CYS A 5 4.65 -1.60 1.40
C CYS A 5 4.45 -2.61 0.28
N ARG A 6 5.14 -3.74 0.38
CA ARG A 6 5.03 -4.79 -0.63
C ARG A 6 4.02 -5.85 -0.20
N SER A 7 2.74 -5.55 -0.41
CA SER A 7 1.68 -6.48 -0.05
C SER A 7 0.38 -6.14 -0.77
N PHE A 8 -0.72 -6.74 -0.33
CA PHE A 8 -2.02 -6.49 -0.94
C PHE A 8 -2.90 -5.66 -0.01
N CYS A 9 -2.59 -4.38 0.10
CA CYS A 9 -3.35 -3.47 0.95
C CYS A 9 -3.25 -3.89 2.41
N PRO A 10 -2.05 -3.75 2.98
CA PRO A 10 -1.78 -4.10 4.39
C PRO A 10 -2.47 -3.15 5.35
N ASP A 11 -2.30 -1.85 5.14
CA ASP A 11 -2.90 -0.84 6.00
C ASP A 11 -3.91 0.00 5.22
N GLN A 12 -4.45 1.03 5.87
CA GLN A 12 -5.43 1.90 5.24
C GLN A 12 -4.76 2.87 4.27
N LYS A 13 -3.74 3.58 4.77
CA LYS A 13 -3.01 4.54 3.95
C LYS A 13 -1.95 3.84 3.11
N CYS A 14 -1.35 2.80 3.67
CA CYS A 14 -0.32 2.04 2.97
C CYS A 14 -0.84 1.48 1.66
N LEU A 15 -2.09 1.03 1.67
CA LEU A 15 -2.72 0.47 0.48
C LEU A 15 -2.94 1.55 -0.58
N LYS A 16 -3.20 2.77 -0.12
CA LYS A 16 -3.43 3.89 -1.03
C LYS A 16 -2.11 4.38 -1.63
N ASP A 17 -1.04 4.28 -0.85
CA ASP A 17 0.28 4.72 -1.31
C ASP A 17 0.95 3.61 -2.12
N CYS A 18 0.26 3.14 -3.15
CA CYS A 18 0.79 2.09 -4.01
C CYS A 18 -0.07 1.92 -5.26
N GLY A 19 -1.30 1.47 -5.05
CA GLY A 19 -2.21 1.26 -6.17
C GLY A 19 -3.20 0.14 -5.92
N CYS A 20 -3.88 0.19 -4.78
CA CYS A 20 -4.86 -0.82 -4.42
C CYS A 20 -6.25 -0.46 -4.94
N ILE A 21 -6.78 0.66 -4.45
CA ILE A 21 -8.09 1.12 -4.87
C ILE A 21 -8.20 1.17 -6.39
N CYS A 1 6.60 5.79 -4.97
CA CYS A 1 5.27 5.24 -4.66
C CYS A 1 5.32 4.37 -3.41
N ALA A 2 5.10 4.99 -2.26
CA ALA A 2 5.12 4.27 -0.99
C ALA A 2 6.50 3.66 -0.72
N PRO A 3 6.75 3.33 0.56
CA PRO A 3 8.02 2.74 0.98
C PRO A 3 8.20 1.32 0.47
N GLU A 4 7.11 0.57 0.43
CA GLU A 4 7.16 -0.82 -0.05
C GLU A 4 5.77 -1.45 0.00
N CYS A 5 5.11 -1.33 1.14
CA CYS A 5 3.78 -1.89 1.31
C CYS A 5 3.74 -3.36 0.89
N ARG A 6 2.54 -3.91 0.81
CA ARG A 6 2.36 -5.31 0.41
C ARG A 6 1.42 -5.43 -0.78
N SER A 7 1.01 -6.65 -1.08
CA SER A 7 0.11 -6.90 -2.20
C SER A 7 -1.23 -7.43 -1.71
N PHE A 8 -1.67 -6.94 -0.56
CA PHE A 8 -2.93 -7.37 0.03
C PHE A 8 -3.47 -6.31 0.98
N CYS A 9 -3.20 -5.05 0.68
CA CYS A 9 -3.66 -3.94 1.52
C CYS A 9 -3.31 -4.20 2.98
N PRO A 10 -2.02 -4.08 3.32
CA PRO A 10 -1.53 -4.28 4.68
C PRO A 10 -1.97 -3.17 5.63
N ASP A 11 -1.78 -1.93 5.21
CA ASP A 11 -2.15 -0.77 6.01
C ASP A 11 -3.32 -0.02 5.38
N GLN A 12 -3.61 1.16 5.91
CA GLN A 12 -4.70 1.98 5.39
C GLN A 12 -4.19 2.98 4.37
N LYS A 13 -3.13 3.69 4.71
CA LYS A 13 -2.54 4.67 3.81
C LYS A 13 -1.56 4.02 2.84
N CYS A 14 -0.93 2.94 3.30
CA CYS A 14 0.04 2.22 2.48
C CYS A 14 -0.65 1.56 1.28
N LEU A 15 -1.81 0.97 1.53
CA LEU A 15 -2.57 0.30 0.48
C LEU A 15 -3.03 1.30 -0.58
N LYS A 16 -3.23 2.54 -0.16
CA LYS A 16 -3.66 3.59 -1.07
C LYS A 16 -2.46 4.27 -1.73
N ASP A 17 -1.36 4.35 -1.00
CA ASP A 17 -0.14 4.97 -1.52
C ASP A 17 0.20 4.42 -2.90
N CYS A 18 0.36 3.10 -2.98
CA CYS A 18 0.69 2.45 -4.24
C CYS A 18 0.81 0.94 -4.06
N GLY A 19 -0.07 0.39 -3.22
CA GLY A 19 -0.05 -1.05 -2.97
C GLY A 19 -1.29 -1.74 -3.48
N CYS A 20 -2.42 -1.04 -3.43
CA CYS A 20 -3.69 -1.60 -3.90
C CYS A 20 -4.29 -0.72 -4.99
N ILE A 21 -4.84 0.42 -4.60
CA ILE A 21 -5.45 1.34 -5.56
C ILE A 21 -4.51 1.64 -6.71
N CYS A 1 5.58 2.00 -5.52
CA CYS A 1 4.99 1.62 -4.24
C CYS A 1 5.75 2.26 -3.08
N ALA A 2 5.07 2.41 -1.94
CA ALA A 2 5.68 3.00 -0.76
C ALA A 2 7.00 2.30 -0.41
N PRO A 3 7.84 2.98 0.38
CA PRO A 3 9.13 2.44 0.80
C PRO A 3 8.99 1.29 1.78
N GLU A 4 7.97 1.36 2.63
CA GLU A 4 7.71 0.32 3.62
C GLU A 4 6.44 -0.45 3.28
N CYS A 5 6.18 -0.65 2.00
CA CYS A 5 5.00 -1.36 1.55
C CYS A 5 5.33 -2.32 0.40
N ARG A 6 4.89 -3.56 0.52
CA ARG A 6 5.14 -4.57 -0.50
C ARG A 6 4.01 -4.61 -1.52
N SER A 7 2.79 -4.86 -1.05
CA SER A 7 1.63 -4.92 -1.92
C SER A 7 0.36 -5.20 -1.12
N PHE A 8 -0.73 -5.46 -1.83
CA PHE A 8 -2.01 -5.75 -1.18
C PHE A 8 -2.49 -4.54 -0.38
N CYS A 9 -3.53 -4.76 0.42
CA CYS A 9 -4.10 -3.69 1.25
C CYS A 9 -3.95 -4.02 2.72
N PRO A 10 -2.71 -3.99 3.22
CA PRO A 10 -2.39 -4.28 4.62
C PRO A 10 -2.90 -3.18 5.56
N ASP A 11 -2.57 -1.94 5.22
CA ASP A 11 -2.99 -0.80 6.04
C ASP A 11 -3.94 0.10 5.26
N GLN A 12 -4.22 1.28 5.82
CA GLN A 12 -5.11 2.23 5.18
C GLN A 12 -4.39 3.01 4.08
N LYS A 13 -3.24 3.57 4.44
CA LYS A 13 -2.45 4.35 3.49
C LYS A 13 -1.54 3.44 2.66
N CYS A 14 -1.04 2.39 3.29
CA CYS A 14 -0.17 1.45 2.61
C CYS A 14 -0.84 0.87 1.37
N LEU A 15 -2.14 0.61 1.48
CA LEU A 15 -2.91 0.06 0.37
C LEU A 15 -3.04 1.08 -0.76
N LYS A 16 -3.10 2.35 -0.40
CA LYS A 16 -3.23 3.43 -1.38
C LYS A 16 -1.88 3.71 -2.04
N ASP A 17 -0.82 3.70 -1.23
CA ASP A 17 0.52 3.96 -1.72
C ASP A 17 0.83 3.08 -2.94
N CYS A 18 0.70 1.77 -2.77
CA CYS A 18 0.96 0.83 -3.84
C CYS A 18 -0.03 1.02 -4.99
N GLY A 19 -1.29 0.68 -4.73
CA GLY A 19 -2.31 0.82 -5.76
C GLY A 19 -3.46 -0.14 -5.55
N CYS A 20 -4.04 -0.13 -4.36
CA CYS A 20 -5.16 -1.01 -4.04
C CYS A 20 -6.49 -0.28 -4.17
N ILE A 21 -6.49 1.00 -3.79
CA ILE A 21 -7.69 1.81 -3.86
C ILE A 21 -8.33 1.74 -5.25
N CYS A 1 4.41 -0.17 -4.30
CA CYS A 1 3.78 0.41 -3.12
C CYS A 1 4.74 1.38 -2.43
N ALA A 2 4.21 2.12 -1.45
CA ALA A 2 5.01 3.08 -0.70
C ALA A 2 6.28 2.43 -0.16
N PRO A 3 7.28 3.27 0.17
CA PRO A 3 8.56 2.80 0.70
C PRO A 3 8.43 2.25 2.11
N GLU A 4 7.92 1.02 2.22
CA GLU A 4 7.74 0.37 3.52
C GLU A 4 7.17 -1.03 3.34
N CYS A 5 5.87 -1.10 3.04
CA CYS A 5 5.20 -2.38 2.84
C CYS A 5 5.50 -2.96 1.47
N ARG A 6 4.81 -4.05 1.13
CA ARG A 6 5.02 -4.70 -0.16
C ARG A 6 3.70 -5.27 -0.68
N SER A 7 2.93 -5.90 0.21
CA SER A 7 1.66 -6.49 -0.16
C SER A 7 0.76 -5.47 -0.87
N PHE A 8 -0.37 -5.94 -1.37
CA PHE A 8 -1.31 -5.07 -2.07
C PHE A 8 -1.88 -4.01 -1.12
N CYS A 9 -2.79 -4.43 -0.26
CA CYS A 9 -3.41 -3.52 0.71
C CYS A 9 -3.12 -3.96 2.14
N PRO A 10 -1.84 -3.84 2.55
CA PRO A 10 -1.41 -4.22 3.90
C PRO A 10 -1.95 -3.27 4.96
N ASP A 11 -1.79 -1.97 4.73
CA ASP A 11 -2.27 -0.97 5.68
C ASP A 11 -3.36 -0.11 5.05
N GLN A 12 -3.70 0.98 5.72
CA GLN A 12 -4.74 1.88 5.24
C GLN A 12 -4.18 2.83 4.18
N LYS A 13 -3.06 3.46 4.50
CA LYS A 13 -2.42 4.40 3.59
C LYS A 13 -1.52 3.67 2.59
N CYS A 14 -0.80 2.67 3.09
CA CYS A 14 0.09 1.89 2.25
C CYS A 14 -0.64 1.36 1.01
N LEU A 15 -1.87 0.93 1.21
CA LEU A 15 -2.68 0.40 0.11
C LEU A 15 -3.02 1.50 -0.90
N LYS A 16 -3.15 2.73 -0.40
CA LYS A 16 -3.46 3.87 -1.25
C LYS A 16 -2.24 4.29 -2.08
N ASP A 17 -1.06 4.19 -1.46
CA ASP A 17 0.18 4.55 -2.14
C ASP A 17 0.79 3.35 -2.85
N CYS A 18 -0.04 2.59 -3.56
CA CYS A 18 0.42 1.42 -4.28
C CYS A 18 -0.46 1.15 -5.50
N GLY A 19 -1.78 1.30 -5.33
CA GLY A 19 -2.70 1.07 -6.42
C GLY A 19 -3.81 0.10 -6.05
N CYS A 20 -4.22 0.15 -4.79
CA CYS A 20 -5.28 -0.74 -4.31
C CYS A 20 -6.61 0.01 -4.21
N ILE A 21 -6.54 1.28 -3.85
CA ILE A 21 -7.73 2.10 -3.72
C ILE A 21 -8.60 2.03 -4.97
N CYS A 1 6.65 -0.58 -5.01
CA CYS A 1 5.30 -0.07 -5.22
C CYS A 1 4.86 0.78 -4.03
N ALA A 2 5.28 0.39 -2.83
CA ALA A 2 4.94 1.11 -1.62
C ALA A 2 6.16 1.76 -1.00
N PRO A 3 5.93 2.77 -0.14
CA PRO A 3 7.02 3.50 0.54
C PRO A 3 7.73 2.63 1.58
N GLU A 4 6.95 1.99 2.43
CA GLU A 4 7.50 1.13 3.48
C GLU A 4 6.57 -0.04 3.78
N CYS A 5 6.29 -0.84 2.75
CA CYS A 5 5.42 -1.99 2.90
C CYS A 5 5.26 -2.74 1.57
N ARG A 6 4.86 -4.00 1.65
CA ARG A 6 4.67 -4.82 0.46
C ARG A 6 3.41 -4.40 -0.29
N SER A 7 3.19 -5.01 -1.45
CA SER A 7 2.02 -4.71 -2.27
C SER A 7 0.73 -5.04 -1.52
N PHE A 8 -0.37 -5.07 -2.26
CA PHE A 8 -1.67 -5.37 -1.68
C PHE A 8 -2.11 -4.26 -0.72
N CYS A 9 -3.14 -4.54 0.08
CA CYS A 9 -3.65 -3.56 1.02
C CYS A 9 -3.40 -4.01 2.46
N PRO A 10 -2.12 -3.91 2.89
CA PRO A 10 -1.72 -4.29 4.24
C PRO A 10 -2.26 -3.34 5.31
N ASP A 11 -2.07 -2.05 5.08
CA ASP A 11 -2.55 -1.04 6.02
C ASP A 11 -3.57 -0.12 5.37
N GLN A 12 -3.87 0.99 6.02
CA GLN A 12 -4.85 1.95 5.50
C GLN A 12 -4.20 2.85 4.46
N LYS A 13 -3.03 3.40 4.79
CA LYS A 13 -2.31 4.29 3.88
C LYS A 13 -1.44 3.49 2.92
N CYS A 14 -0.79 2.46 3.43
CA CYS A 14 0.07 1.61 2.62
C CYS A 14 -0.67 1.12 1.37
N LEU A 15 -1.94 0.77 1.54
CA LEU A 15 -2.75 0.30 0.43
C LEU A 15 -2.99 1.41 -0.60
N LYS A 16 -3.05 2.64 -0.11
CA LYS A 16 -3.27 3.79 -0.98
C LYS A 16 -1.97 4.23 -1.64
N ASP A 17 -0.86 4.08 -0.92
CA ASP A 17 0.45 4.45 -1.43
C ASP A 17 0.84 3.59 -2.62
N CYS A 18 0.56 2.29 -2.52
CA CYS A 18 0.88 1.36 -3.59
C CYS A 18 -0.07 1.53 -4.77
N GLY A 19 -1.32 1.15 -4.59
CA GLY A 19 -2.31 1.29 -5.65
C GLY A 19 -3.42 0.26 -5.54
N CYS A 20 -4.13 0.28 -4.43
CA CYS A 20 -5.22 -0.66 -4.20
C CYS A 20 -6.54 -0.08 -4.72
N ILE A 21 -6.88 1.12 -4.26
CA ILE A 21 -8.11 1.78 -4.68
C ILE A 21 -8.22 1.82 -6.20
N CYS A 1 5.56 2.45 -5.66
CA CYS A 1 4.86 1.95 -4.47
C CYS A 1 5.47 2.52 -3.20
N ALA A 2 4.82 2.27 -2.07
CA ALA A 2 5.31 2.75 -0.79
C ALA A 2 6.76 2.33 -0.54
N PRO A 3 7.44 3.03 0.37
CA PRO A 3 8.83 2.74 0.71
C PRO A 3 8.99 1.41 1.46
N GLU A 4 8.01 1.10 2.31
CA GLU A 4 8.03 -0.13 3.08
C GLU A 4 6.65 -0.79 3.11
N CYS A 5 6.43 -1.72 2.18
CA CYS A 5 5.16 -2.42 2.09
C CYS A 5 5.26 -3.62 1.16
N ARG A 6 5.07 -4.81 1.71
CA ARG A 6 5.14 -6.04 0.93
C ARG A 6 3.77 -6.70 0.82
N SER A 7 2.82 -5.99 0.24
CA SER A 7 1.46 -6.50 0.08
C SER A 7 0.57 -5.48 -0.63
N PHE A 8 -0.52 -5.97 -1.20
CA PHE A 8 -1.46 -5.09 -1.91
C PHE A 8 -2.03 -4.03 -0.99
N CYS A 9 -2.94 -4.44 -0.11
CA CYS A 9 -3.57 -3.52 0.83
C CYS A 9 -3.28 -3.93 2.27
N PRO A 10 -2.00 -3.84 2.65
CA PRO A 10 -1.55 -4.19 4.01
C PRO A 10 -2.06 -3.21 5.06
N ASP A 11 -1.87 -1.92 4.81
CA ASP A 11 -2.31 -0.88 5.73
C ASP A 11 -3.49 -0.11 5.15
N GLN A 12 -3.83 1.01 5.80
CA GLN A 12 -4.94 1.84 5.35
C GLN A 12 -4.50 2.80 4.24
N LYS A 13 -3.43 3.54 4.50
CA LYS A 13 -2.90 4.49 3.53
C LYS A 13 -1.97 3.80 2.56
N CYS A 14 -1.14 2.89 3.07
CA CYS A 14 -0.18 2.17 2.24
C CYS A 14 -0.88 1.54 1.04
N LEU A 15 -2.09 1.04 1.26
CA LEU A 15 -2.87 0.41 0.19
C LEU A 15 -3.20 1.43 -0.90
N LYS A 16 -3.43 2.67 -0.50
CA LYS A 16 -3.76 3.73 -1.44
C LYS A 16 -2.51 4.29 -2.10
N ASP A 17 -1.42 4.36 -1.34
CA ASP A 17 -0.16 4.87 -1.85
C ASP A 17 0.38 3.97 -2.96
N CYS A 18 0.17 2.67 -2.82
CA CYS A 18 0.64 1.70 -3.80
C CYS A 18 -0.28 1.69 -5.02
N GLY A 19 -1.48 1.16 -4.85
CA GLY A 19 -2.44 1.11 -5.95
C GLY A 19 -3.51 0.05 -5.73
N CYS A 20 -4.12 0.07 -4.55
CA CYS A 20 -5.17 -0.89 -4.22
C CYS A 20 -6.55 -0.26 -4.35
N ILE A 21 -6.64 1.02 -4.00
CA ILE A 21 -7.91 1.73 -4.09
C ILE A 21 -8.52 1.61 -5.48
N CYS A 1 6.33 3.14 -5.71
CA CYS A 1 4.98 2.68 -5.40
C CYS A 1 4.89 2.19 -3.95
N ALA A 2 5.16 3.09 -3.01
CA ALA A 2 5.10 2.75 -1.60
C ALA A 2 6.16 1.71 -1.25
N PRO A 3 7.40 2.18 -0.99
CA PRO A 3 8.53 1.31 -0.64
C PRO A 3 8.37 0.70 0.74
N GLU A 4 7.72 1.42 1.64
CA GLU A 4 7.49 0.95 3.00
C GLU A 4 6.17 0.19 3.11
N CYS A 5 5.92 -0.69 2.15
CA CYS A 5 4.70 -1.48 2.14
C CYS A 5 4.99 -2.93 1.78
N ARG A 6 3.93 -3.73 1.66
CA ARG A 6 4.07 -5.14 1.31
C ARG A 6 2.71 -5.82 1.25
N SER A 7 2.64 -6.92 0.51
CA SER A 7 1.40 -7.66 0.34
C SER A 7 0.34 -6.81 -0.34
N PHE A 8 -0.82 -7.40 -0.61
CA PHE A 8 -1.91 -6.69 -1.25
C PHE A 8 -2.70 -5.86 -0.24
N CYS A 9 -2.49 -4.55 -0.27
CA CYS A 9 -3.16 -3.64 0.64
C CYS A 9 -3.03 -4.11 2.08
N PRO A 10 -1.82 -3.94 2.64
CA PRO A 10 -1.53 -4.33 4.03
C PRO A 10 -2.24 -3.45 5.05
N ASP A 11 -2.12 -2.14 4.87
CA ASP A 11 -2.74 -1.19 5.78
C ASP A 11 -3.78 -0.35 5.05
N GLN A 12 -4.26 0.71 5.71
CA GLN A 12 -5.26 1.60 5.11
C GLN A 12 -4.60 2.61 4.18
N LYS A 13 -3.58 3.29 4.69
CA LYS A 13 -2.87 4.29 3.90
C LYS A 13 -1.78 3.64 3.04
N CYS A 14 -1.15 2.61 3.59
CA CYS A 14 -0.10 1.89 2.88
C CYS A 14 -0.59 1.40 1.52
N LEU A 15 -1.83 0.94 1.48
CA LEU A 15 -2.43 0.44 0.24
C LEU A 15 -2.67 1.58 -0.75
N LYS A 16 -2.94 2.77 -0.21
CA LYS A 16 -3.18 3.94 -1.04
C LYS A 16 -1.87 4.55 -1.52
N ASP A 17 -0.83 4.45 -0.69
CA ASP A 17 0.47 5.00 -1.03
C ASP A 17 0.92 4.52 -2.40
N CYS A 18 0.74 3.23 -2.67
CA CYS A 18 1.13 2.65 -3.95
C CYS A 18 -0.01 2.78 -4.97
N GLY A 19 -1.13 2.12 -4.68
CA GLY A 19 -2.27 2.18 -5.57
C GLY A 19 -3.06 0.87 -5.58
N CYS A 20 -3.72 0.59 -4.46
CA CYS A 20 -4.52 -0.64 -4.35
C CYS A 20 -5.95 -0.40 -4.81
N ILE A 21 -6.57 0.65 -4.30
CA ILE A 21 -7.94 1.00 -4.66
C ILE A 21 -8.11 1.05 -6.17
N CYS A 1 6.36 3.04 -4.71
CA CYS A 1 5.13 3.68 -4.30
C CYS A 1 4.90 3.51 -2.80
N ALA A 2 5.27 2.34 -2.29
CA ALA A 2 5.12 2.05 -0.87
C ALA A 2 6.26 1.19 -0.35
N PRO A 3 7.36 1.83 0.05
CA PRO A 3 8.55 1.14 0.57
C PRO A 3 8.29 0.51 1.94
N GLU A 4 7.45 1.16 2.74
CA GLU A 4 7.13 0.66 4.07
C GLU A 4 6.56 -0.76 4.00
N CYS A 5 5.79 -1.03 2.94
CA CYS A 5 5.19 -2.34 2.76
C CYS A 5 4.46 -2.41 1.42
N ARG A 6 4.15 -3.63 0.98
CA ARG A 6 3.46 -3.84 -0.28
C ARG A 6 3.24 -5.32 -0.54
N SER A 7 2.01 -5.68 -0.90
CA SER A 7 1.67 -7.08 -1.17
C SER A 7 0.19 -7.20 -1.56
N PHE A 8 -0.68 -7.00 -0.58
CA PHE A 8 -2.12 -7.10 -0.82
C PHE A 8 -2.89 -6.11 0.07
N CYS A 9 -2.52 -4.84 -0.02
CA CYS A 9 -3.17 -3.80 0.77
C CYS A 9 -3.00 -4.08 2.27
N PRO A 10 -1.77 -3.89 2.76
CA PRO A 10 -1.44 -4.12 4.18
C PRO A 10 -2.07 -3.06 5.08
N ASP A 11 -1.89 -1.79 4.73
CA ASP A 11 -2.44 -0.69 5.52
C ASP A 11 -3.18 0.29 4.62
N GLN A 12 -3.91 1.21 5.24
CA GLN A 12 -4.68 2.20 4.49
C GLN A 12 -3.76 3.10 3.68
N LYS A 13 -2.80 3.74 4.35
CA LYS A 13 -1.86 4.63 3.68
C LYS A 13 -0.86 3.83 2.85
N CYS A 14 -0.51 2.64 3.33
CA CYS A 14 0.44 1.78 2.62
C CYS A 14 -0.14 1.31 1.30
N LEU A 15 -1.43 0.98 1.32
CA LEU A 15 -2.11 0.50 0.11
C LEU A 15 -2.57 1.68 -0.75
N LYS A 16 -2.89 2.79 -0.11
CA LYS A 16 -3.33 3.99 -0.82
C LYS A 16 -2.18 4.63 -1.58
N ASP A 17 -0.98 4.51 -1.02
CA ASP A 17 0.21 5.08 -1.65
C ASP A 17 0.76 4.14 -2.72
N CYS A 18 -0.10 3.75 -3.66
CA CYS A 18 0.30 2.86 -4.75
C CYS A 18 -0.85 2.65 -5.73
N GLY A 19 -1.91 2.00 -5.25
CA GLY A 19 -3.06 1.74 -6.10
C GLY A 19 -3.68 0.37 -5.84
N CYS A 20 -4.08 0.14 -4.59
CA CYS A 20 -4.68 -1.13 -4.21
C CYS A 20 -6.20 -1.09 -4.39
N ILE A 21 -6.82 -0.06 -3.82
CA ILE A 21 -8.27 0.10 -3.91
C ILE A 21 -8.74 0.03 -5.35
N CYS A 1 6.74 2.93 -5.96
CA CYS A 1 5.37 2.87 -5.48
C CYS A 1 5.35 2.68 -3.96
N ALA A 2 5.06 3.77 -3.25
CA ALA A 2 4.99 3.73 -1.80
C ALA A 2 6.35 3.37 -1.19
N PRO A 3 6.54 3.70 0.09
CA PRO A 3 7.79 3.42 0.81
C PRO A 3 8.00 1.93 1.05
N GLU A 4 6.91 1.22 1.38
CA GLU A 4 6.99 -0.21 1.63
C GLU A 4 5.60 -0.78 1.91
N CYS A 5 4.93 -1.24 0.86
CA CYS A 5 3.59 -1.81 0.99
C CYS A 5 3.46 -3.09 0.17
N ARG A 6 3.14 -4.19 0.85
CA ARG A 6 2.98 -5.48 0.18
C ARG A 6 1.86 -6.29 0.83
N SER A 7 1.76 -7.56 0.45
CA SER A 7 0.74 -8.45 0.98
C SER A 7 -0.65 -7.97 0.58
N PHE A 8 -0.75 -7.37 -0.60
CA PHE A 8 -2.02 -6.87 -1.10
C PHE A 8 -2.71 -5.98 -0.07
N CYS A 9 -2.39 -4.69 -0.10
CA CYS A 9 -2.96 -3.74 0.83
C CYS A 9 -2.64 -4.13 2.28
N PRO A 10 -1.40 -3.82 2.70
CA PRO A 10 -0.93 -4.12 4.06
C PRO A 10 -1.62 -3.26 5.12
N ASP A 11 -1.65 -1.96 4.89
CA ASP A 11 -2.27 -1.03 5.82
C ASP A 11 -3.46 -0.30 5.16
N GLN A 12 -3.96 0.73 5.82
CA GLN A 12 -5.08 1.50 5.30
C GLN A 12 -4.61 2.52 4.27
N LYS A 13 -3.62 3.32 4.65
CA LYS A 13 -3.07 4.34 3.76
C LYS A 13 -2.01 3.75 2.84
N CYS A 14 -1.22 2.82 3.38
CA CYS A 14 -0.16 2.17 2.60
C CYS A 14 -0.73 1.59 1.31
N LEU A 15 -1.95 1.07 1.38
CA LEU A 15 -2.60 0.47 0.22
C LEU A 15 -3.03 1.55 -0.77
N LYS A 16 -3.39 2.71 -0.24
CA LYS A 16 -3.83 3.82 -1.08
C LYS A 16 -2.64 4.53 -1.71
N ASP A 17 -1.52 4.54 -1.00
CA ASP A 17 -0.30 5.18 -1.49
C ASP A 17 -0.01 4.75 -2.92
N CYS A 18 0.46 3.51 -3.08
CA CYS A 18 0.79 2.98 -4.39
C CYS A 18 0.85 1.46 -4.36
N GLY A 19 -0.30 0.83 -4.14
CA GLY A 19 -0.35 -0.63 -4.09
C GLY A 19 -1.72 -1.17 -4.43
N CYS A 20 -2.76 -0.48 -3.96
CA CYS A 20 -4.13 -0.90 -4.21
C CYS A 20 -4.99 0.28 -4.64
N ILE A 21 -5.15 1.25 -3.74
CA ILE A 21 -5.95 2.43 -4.03
C ILE A 21 -5.06 3.65 -4.28
N CYS A 1 6.37 5.22 -4.57
CA CYS A 1 5.51 4.18 -4.01
C CYS A 1 5.64 4.12 -2.49
N ALA A 2 4.96 3.15 -1.89
CA ALA A 2 4.99 2.98 -0.45
C ALA A 2 6.43 2.92 0.07
N PRO A 3 6.60 3.17 1.37
CA PRO A 3 7.93 3.15 2.01
C PRO A 3 8.50 1.74 2.10
N GLU A 4 7.70 0.81 2.58
CA GLU A 4 8.12 -0.57 2.73
C GLU A 4 6.93 -1.52 2.71
N CYS A 5 5.93 -1.19 1.89
CA CYS A 5 4.73 -2.01 1.78
C CYS A 5 4.63 -2.64 0.40
N ARG A 6 3.97 -3.79 0.33
CA ARG A 6 3.81 -4.50 -0.94
C ARG A 6 2.99 -5.77 -0.75
N SER A 7 1.67 -5.65 -0.85
CA SER A 7 0.77 -6.79 -0.69
C SER A 7 -0.68 -6.37 -0.88
N PHE A 8 -1.60 -7.27 -0.55
CA PHE A 8 -3.02 -7.00 -0.69
C PHE A 8 -3.49 -6.02 0.38
N CYS A 9 -3.25 -4.74 0.14
CA CYS A 9 -3.64 -3.69 1.08
C CYS A 9 -3.13 -3.99 2.47
N PRO A 10 -1.82 -3.81 2.68
CA PRO A 10 -1.18 -4.05 3.98
C PRO A 10 -1.60 -3.04 5.04
N ASP A 11 -1.53 -1.77 4.69
CA ASP A 11 -1.90 -0.69 5.62
C ASP A 11 -3.01 0.17 5.02
N GLN A 12 -3.27 1.30 5.66
CA GLN A 12 -4.32 2.22 5.20
C GLN A 12 -3.80 3.09 4.07
N LYS A 13 -2.62 3.67 4.28
CA LYS A 13 -2.01 4.54 3.27
C LYS A 13 -1.23 3.72 2.24
N CYS A 14 -0.69 2.59 2.68
CA CYS A 14 0.07 1.72 1.79
C CYS A 14 -0.82 1.14 0.69
N LEU A 15 -2.05 0.77 1.06
CA LEU A 15 -3.00 0.21 0.11
C LEU A 15 -3.43 1.26 -0.91
N LYS A 16 -3.47 2.51 -0.48
CA LYS A 16 -3.85 3.61 -1.35
C LYS A 16 -2.67 4.11 -2.18
N ASP A 17 -1.47 3.99 -1.61
CA ASP A 17 -0.26 4.43 -2.29
C ASP A 17 -0.19 3.86 -3.71
N CYS A 18 0.07 2.56 -3.80
CA CYS A 18 0.16 1.90 -5.09
C CYS A 18 0.01 0.38 -4.93
N GLY A 19 -1.19 -0.05 -4.57
CA GLY A 19 -1.45 -1.47 -4.40
C GLY A 19 -2.91 -1.82 -4.53
N CYS A 20 -3.78 -0.95 -4.00
CA CYS A 20 -5.21 -1.18 -4.05
C CYS A 20 -5.94 0.09 -4.48
N ILE A 21 -5.97 1.09 -3.60
CA ILE A 21 -6.63 2.35 -3.89
C ILE A 21 -5.65 3.37 -4.45
N CYS A 1 5.80 -1.85 -3.66
CA CYS A 1 5.10 -0.63 -4.03
C CYS A 1 5.51 0.53 -3.14
N ALA A 2 5.08 0.49 -1.88
CA ALA A 2 5.41 1.53 -0.91
C ALA A 2 6.78 1.30 -0.30
N PRO A 3 7.36 2.36 0.27
CA PRO A 3 8.68 2.30 0.91
C PRO A 3 8.65 1.49 2.21
N GLU A 4 7.54 1.55 2.91
CA GLU A 4 7.38 0.83 4.17
C GLU A 4 6.79 -0.56 3.94
N CYS A 5 5.83 -0.63 3.02
CA CYS A 5 5.18 -1.90 2.70
C CYS A 5 5.34 -2.23 1.21
N ARG A 6 5.51 -3.51 0.92
CA ARG A 6 5.68 -3.96 -0.46
C ARG A 6 4.60 -4.98 -0.83
N SER A 7 3.39 -4.77 -0.31
CA SER A 7 2.27 -5.67 -0.59
C SER A 7 1.16 -4.93 -1.32
N PHE A 8 0.01 -5.59 -1.45
CA PHE A 8 -1.14 -5.00 -2.14
C PHE A 8 -1.82 -3.96 -1.25
N CYS A 9 -2.52 -4.43 -0.23
CA CYS A 9 -3.23 -3.55 0.69
C CYS A 9 -3.02 -3.98 2.14
N PRO A 10 -1.77 -3.84 2.62
CA PRO A 10 -1.41 -4.21 3.98
C PRO A 10 -2.03 -3.27 5.03
N ASP A 11 -1.87 -1.97 4.80
CA ASP A 11 -2.41 -0.97 5.72
C ASP A 11 -3.55 -0.20 5.08
N GLN A 12 -3.95 0.89 5.72
CA GLN A 12 -5.05 1.71 5.20
C GLN A 12 -4.53 2.72 4.19
N LYS A 13 -3.49 3.45 4.56
CA LYS A 13 -2.89 4.45 3.68
C LYS A 13 -1.87 3.82 2.74
N CYS A 14 -1.15 2.82 3.25
CA CYS A 14 -0.13 2.13 2.45
C CYS A 14 -0.75 1.54 1.19
N LEU A 15 -1.95 0.99 1.32
CA LEU A 15 -2.64 0.40 0.18
C LEU A 15 -2.97 1.45 -0.87
N LYS A 16 -3.27 2.66 -0.42
CA LYS A 16 -3.60 3.75 -1.32
C LYS A 16 -2.39 4.13 -2.18
N ASP A 17 -1.20 3.99 -1.60
CA ASP A 17 0.03 4.32 -2.31
C ASP A 17 0.22 3.41 -3.51
N CYS A 18 -0.24 2.17 -3.39
CA CYS A 18 -0.11 1.20 -4.47
C CYS A 18 -1.37 1.18 -5.33
N GLY A 19 -2.11 2.28 -5.31
CA GLY A 19 -3.34 2.37 -6.09
C GLY A 19 -4.23 1.16 -5.90
N CYS A 20 -4.42 0.75 -4.64
CA CYS A 20 -5.26 -0.40 -4.33
C CYS A 20 -6.71 0.04 -4.12
N ILE A 21 -6.89 1.23 -3.57
CA ILE A 21 -8.23 1.75 -3.31
C ILE A 21 -9.11 1.66 -4.55
N CYS A 1 6.00 0.74 -5.75
CA CYS A 1 4.71 0.53 -5.07
C CYS A 1 4.66 1.31 -3.76
N ALA A 2 5.36 0.81 -2.75
CA ALA A 2 5.39 1.47 -1.44
C ALA A 2 6.81 1.61 -0.94
N PRO A 3 7.01 2.51 0.04
CA PRO A 3 8.31 2.76 0.63
C PRO A 3 8.81 1.60 1.48
N GLU A 4 7.88 0.75 1.91
CA GLU A 4 8.22 -0.41 2.74
C GLU A 4 7.01 -1.33 2.91
N CYS A 5 5.83 -0.73 2.99
CA CYS A 5 4.60 -1.48 3.15
C CYS A 5 4.59 -2.72 2.26
N ARG A 6 4.46 -2.50 0.96
CA ARG A 6 4.44 -3.59 0.00
C ARG A 6 3.23 -4.49 0.22
N SER A 7 3.25 -5.67 -0.39
CA SER A 7 2.15 -6.62 -0.26
C SER A 7 0.89 -6.07 -0.92
N PHE A 8 -0.22 -6.79 -0.75
CA PHE A 8 -1.50 -6.39 -1.32
C PHE A 8 -2.35 -5.66 -0.28
N CYS A 9 -2.31 -4.33 -0.31
CA CYS A 9 -3.08 -3.52 0.62
C CYS A 9 -2.86 -3.99 2.06
N PRO A 10 -1.65 -3.73 2.58
CA PRO A 10 -1.28 -4.11 3.95
C PRO A 10 -2.02 -3.30 5.00
N ASP A 11 -2.01 -1.97 4.84
CA ASP A 11 -2.68 -1.07 5.77
C ASP A 11 -3.72 -0.23 5.04
N GLN A 12 -4.23 0.78 5.75
CA GLN A 12 -5.23 1.67 5.18
C GLN A 12 -4.60 2.66 4.20
N LYS A 13 -3.59 3.38 4.66
CA LYS A 13 -2.90 4.36 3.84
C LYS A 13 -1.89 3.67 2.92
N CYS A 14 -1.19 2.68 3.46
CA CYS A 14 -0.20 1.94 2.69
C CYS A 14 -0.79 1.44 1.38
N LEU A 15 -2.04 1.01 1.42
CA LEU A 15 -2.73 0.50 0.24
C LEU A 15 -3.06 1.62 -0.72
N LYS A 16 -3.27 2.82 -0.18
CA LYS A 16 -3.60 3.99 -0.98
C LYS A 16 -2.34 4.57 -1.64
N ASP A 17 -1.24 4.57 -0.89
CA ASP A 17 0.02 5.09 -1.40
C ASP A 17 0.45 4.33 -2.66
N CYS A 18 0.37 3.01 -2.60
CA CYS A 18 0.77 2.17 -3.73
C CYS A 18 -0.23 2.31 -4.88
N GLY A 19 -1.42 1.76 -4.68
CA GLY A 19 -2.45 1.83 -5.72
C GLY A 19 -3.41 0.66 -5.66
N CYS A 20 -4.00 0.44 -4.49
CA CYS A 20 -4.95 -0.66 -4.31
C CYS A 20 -6.36 -0.21 -4.64
N ILE A 21 -6.70 1.01 -4.26
CA ILE A 21 -8.03 1.56 -4.51
C ILE A 21 -8.39 1.46 -5.99
N CYS A 1 3.49 -0.54 -5.41
CA CYS A 1 4.48 0.50 -5.61
C CYS A 1 4.60 1.39 -4.36
N ALA A 2 4.36 0.80 -3.20
CA ALA A 2 4.44 1.53 -1.94
C ALA A 2 5.89 1.85 -1.58
N PRO A 3 6.07 2.83 -0.68
CA PRO A 3 7.39 3.25 -0.23
C PRO A 3 8.06 2.21 0.64
N GLU A 4 7.27 1.45 1.38
CA GLU A 4 7.79 0.41 2.26
C GLU A 4 6.66 -0.48 2.78
N CYS A 5 5.99 -1.18 1.87
CA CYS A 5 4.89 -2.05 2.24
C CYS A 5 4.85 -3.28 1.32
N ARG A 6 4.29 -3.09 0.13
CA ARG A 6 4.19 -4.18 -0.84
C ARG A 6 3.60 -5.43 -0.20
N SER A 7 2.27 -5.50 -0.17
CA SER A 7 1.58 -6.64 0.42
C SER A 7 0.09 -6.62 0.08
N PHE A 8 -0.23 -6.08 -1.09
CA PHE A 8 -1.62 -6.00 -1.52
C PHE A 8 -2.49 -5.36 -0.45
N CYS A 9 -2.47 -4.04 -0.38
CA CYS A 9 -3.26 -3.31 0.61
C CYS A 9 -3.03 -3.87 2.01
N PRO A 10 -1.79 -3.70 2.51
CA PRO A 10 -1.41 -4.18 3.84
C PRO A 10 -2.09 -3.38 4.96
N ASP A 11 -1.98 -2.06 4.88
CA ASP A 11 -2.57 -1.19 5.88
C ASP A 11 -3.71 -0.36 5.28
N GLN A 12 -4.17 0.64 6.03
CA GLN A 12 -5.25 1.50 5.56
C GLN A 12 -4.72 2.60 4.66
N LYS A 13 -3.65 3.26 5.10
CA LYS A 13 -3.04 4.33 4.32
C LYS A 13 -2.06 3.78 3.30
N CYS A 14 -1.30 2.76 3.71
CA CYS A 14 -0.32 2.13 2.83
C CYS A 14 -0.98 1.66 1.54
N LEU A 15 -2.20 1.14 1.66
CA LEU A 15 -2.93 0.65 0.49
C LEU A 15 -3.30 1.80 -0.44
N LYS A 16 -3.51 2.98 0.13
CA LYS A 16 -3.86 4.16 -0.65
C LYS A 16 -2.62 4.82 -1.24
N ASP A 17 -1.52 4.78 -0.49
CA ASP A 17 -0.27 5.37 -0.93
C ASP A 17 0.08 4.92 -2.35
N CYS A 18 0.23 3.61 -2.52
CA CYS A 18 0.56 3.05 -3.82
C CYS A 18 0.58 1.52 -3.77
N GLY A 19 -0.55 0.94 -3.40
CA GLY A 19 -0.65 -0.51 -3.31
C GLY A 19 -1.98 -1.04 -3.84
N CYS A 20 -3.05 -0.30 -3.56
CA CYS A 20 -4.38 -0.71 -4.02
C CYS A 20 -4.83 0.15 -5.20
N ILE A 21 -5.07 1.43 -4.95
CA ILE A 21 -5.51 2.34 -5.99
C ILE A 21 -4.58 2.27 -7.20
N CYS A 1 6.32 4.63 -5.75
CA CYS A 1 5.01 4.11 -5.35
C CYS A 1 4.85 4.19 -3.83
N ALA A 2 5.52 3.26 -3.14
CA ALA A 2 5.45 3.22 -1.68
C ALA A 2 6.84 3.05 -1.07
N PRO A 3 6.97 3.39 0.21
CA PRO A 3 8.24 3.28 0.94
C PRO A 3 8.64 1.84 1.19
N GLU A 4 7.70 1.04 1.70
CA GLU A 4 7.96 -0.37 1.98
C GLU A 4 6.73 -1.05 2.56
N CYS A 5 6.00 -1.75 1.71
CA CYS A 5 4.79 -2.45 2.14
C CYS A 5 4.57 -3.72 1.32
N ARG A 6 3.55 -4.49 1.68
CA ARG A 6 3.24 -5.73 0.97
C ARG A 6 2.02 -5.56 0.09
N SER A 7 1.50 -6.67 -0.43
CA SER A 7 0.34 -6.64 -1.30
C SER A 7 -0.93 -6.99 -0.53
N PHE A 8 -2.06 -7.00 -1.23
CA PHE A 8 -3.34 -7.32 -0.61
C PHE A 8 -3.71 -6.27 0.45
N CYS A 9 -3.36 -5.03 0.17
CA CYS A 9 -3.65 -3.92 1.09
C CYS A 9 -3.16 -4.25 2.49
N PRO A 10 -1.85 -4.07 2.72
CA PRO A 10 -1.22 -4.34 4.01
C PRO A 10 -1.64 -3.33 5.08
N ASP A 11 -1.57 -2.05 4.74
CA ASP A 11 -1.94 -0.98 5.66
C ASP A 11 -3.17 -0.23 5.16
N GLN A 12 -3.48 0.89 5.80
CA GLN A 12 -4.63 1.70 5.42
C GLN A 12 -4.23 2.78 4.42
N LYS A 13 -3.16 3.52 4.74
CA LYS A 13 -2.67 4.58 3.88
C LYS A 13 -1.75 4.03 2.81
N CYS A 14 -0.99 2.99 3.16
CA CYS A 14 -0.07 2.37 2.24
C CYS A 14 -0.80 1.74 1.05
N LEU A 15 -1.96 1.16 1.34
CA LEU A 15 -2.77 0.53 0.30
C LEU A 15 -3.27 1.56 -0.71
N LYS A 16 -3.44 2.80 -0.25
CA LYS A 16 -3.90 3.87 -1.11
C LYS A 16 -2.73 4.59 -1.76
N ASP A 17 -1.61 4.67 -1.05
CA ASP A 17 -0.42 5.32 -1.57
C ASP A 17 -0.07 4.81 -2.95
N CYS A 18 0.14 3.49 -3.05
CA CYS A 18 0.50 2.87 -4.32
C CYS A 18 0.61 1.36 -4.17
N GLY A 19 -0.48 0.73 -3.73
CA GLY A 19 -0.48 -0.71 -3.56
C GLY A 19 -1.77 -1.35 -4.01
N CYS A 20 -2.90 -0.70 -3.71
CA CYS A 20 -4.20 -1.22 -4.09
C CYS A 20 -4.91 -0.25 -5.03
N ILE A 21 -5.44 0.83 -4.48
CA ILE A 21 -6.15 1.82 -5.27
C ILE A 21 -6.93 1.18 -6.41
#